data_9P4C
#
_entry.id   9P4C
#
_cell.length_a   92.960
_cell.length_b   98.835
_cell.length_c   66.595
_cell.angle_alpha   90.000
_cell.angle_beta   131.972
_cell.angle_gamma   90.000
#
_symmetry.space_group_name_H-M   'C 1 2 1'
#
loop_
_entity.id
_entity.type
_entity.pdbx_description
1 polymer 'Light chain of the RO4 Fab fragment'
2 polymer 'Heavy chain of the RO4 fab fragment'
3 polymer 'Mesothelin, cleaved form'
4 non-polymer GLYCEROL
5 water water
#
loop_
_entity_poly.entity_id
_entity_poly.type
_entity_poly.pdbx_seq_one_letter_code
_entity_poly.pdbx_strand_id
1 'polypeptide(L)'
;ADVVMTQTPSSVSAAVGGTVTMKCQASQSISTALVWYQQKPGQPPKLLIRSTSTLASGVPSRFKGSGSGTQFTLTISDLE
CADAATYYCQSAALIGGVVFGAFGGGTEVVVRGDPVAPTVLIFPPAADQVATGTVTIVCVANKYFPDVTVTWEVDGTTQT
TGIENSKTPQNSADCTYNLSSTLTLTSTQYNSHKEYTCKVTQGTTSVVQSFNRGDC
;
L
2 'polypeptide(L)'
;(PCA)SLEESGGGLVTPGGILTLTCTASGFDISRHYMTWVRQAPGEGLEWIGSIYGGSTYYASWAKGRFTISKTSSTTVD
LKMTSLTTEDTATYFCVRGVGGGLWGPGTLVTVSSGQPKAPSVFPLAPCCGDTPSSTVTLGCLVKGYLPEPVTVTWNSGT
LTNGVRTFPSVRQSSGLYSLSSVVSVTSSSQPVTCNVAHPATNTKVDKTVAPSTC
;
H
3 'polypeptide(L)' IPNGYLVLDLSMQEALS M
#
loop_
_chem_comp.id
_chem_comp.type
_chem_comp.name
_chem_comp.formula
GOL non-polymer GLYCEROL 'C3 H8 O3'
#
# COMPACT_ATOMS: atom_id res chain seq x y z
N ALA A 1 26.87 -16.14 -2.47
CA ALA A 1 25.69 -15.33 -2.86
C ALA A 1 24.54 -15.65 -1.91
N ASP A 2 23.73 -14.64 -1.59
CA ASP A 2 22.58 -14.91 -0.73
C ASP A 2 21.61 -15.82 -1.46
N VAL A 3 20.87 -16.59 -0.66
CA VAL A 3 19.81 -17.41 -1.23
C VAL A 3 18.81 -16.54 -1.97
N VAL A 4 18.28 -17.07 -3.06
CA VAL A 4 17.26 -16.40 -3.86
C VAL A 4 16.00 -17.27 -3.84
N MET A 5 14.88 -16.64 -3.55
CA MET A 5 13.58 -17.29 -3.50
C MET A 5 12.81 -16.85 -4.73
N THR A 6 12.52 -17.79 -5.62
CA THR A 6 11.79 -17.49 -6.85
C THR A 6 10.33 -17.91 -6.65
N GLN A 7 9.44 -16.93 -6.65
CA GLN A 7 8.03 -17.14 -6.38
C GLN A 7 7.23 -16.99 -7.68
N THR A 8 6.37 -17.98 -7.96
CA THR A 8 5.54 -17.98 -9.13
C THR A 8 4.15 -18.49 -8.74
N PRO A 9 3.12 -18.07 -9.44
CA PRO A 9 3.10 -17.03 -10.46
C PRO A 9 3.12 -15.67 -9.80
N SER A 10 3.29 -14.63 -10.60
CA SER A 10 3.26 -13.27 -10.05
C SER A 10 1.84 -12.87 -9.68
N SER A 11 0.84 -13.43 -10.35
CA SER A 11 -0.56 -13.14 -10.06
C SER A 11 -1.38 -14.38 -10.40
N VAL A 12 -2.42 -14.63 -9.60
CA VAL A 12 -3.30 -15.78 -9.82
C VAL A 12 -4.73 -15.36 -9.47
N SER A 13 -5.70 -15.96 -10.16
CA SER A 13 -7.10 -15.59 -10.00
C SER A 13 -7.94 -16.84 -9.83
N ALA A 14 -8.96 -16.75 -8.99
CA ALA A 14 -9.95 -17.80 -8.90
C ALA A 14 -11.24 -17.17 -8.39
N ALA A 15 -12.34 -17.86 -8.68
CA ALA A 15 -13.63 -17.46 -8.18
C ALA A 15 -13.75 -17.73 -6.70
N VAL A 16 -14.63 -16.96 -6.05
CA VAL A 16 -15.01 -17.26 -4.70
C VAL A 16 -15.33 -18.74 -4.59
N GLY A 17 -14.83 -19.37 -3.53
CA GLY A 17 -15.05 -20.77 -3.32
C GLY A 17 -14.00 -21.65 -3.94
N GLY A 18 -13.16 -21.09 -4.79
CA GLY A 18 -12.17 -21.85 -5.52
C GLY A 18 -10.88 -22.05 -4.75
N THR A 19 -9.90 -22.58 -5.47
CA THR A 19 -8.60 -22.94 -4.92
C THR A 19 -7.50 -22.38 -5.79
N VAL A 20 -6.48 -21.80 -5.15
CA VAL A 20 -5.29 -21.31 -5.84
C VAL A 20 -4.06 -21.87 -5.15
N THR A 21 -3.01 -22.03 -5.94
CA THR A 21 -1.71 -22.45 -5.44
C THR A 21 -0.63 -21.50 -5.95
N MET A 22 0.41 -21.36 -5.15
CA MET A 22 1.59 -20.61 -5.52
C MET A 22 2.82 -21.37 -5.02
N LYS A 23 3.94 -21.12 -5.69
CA LYS A 23 5.18 -21.86 -5.49
C LYS A 23 6.32 -20.92 -5.12
N CYS A 24 7.22 -21.41 -4.26
CA CYS A 24 8.45 -20.74 -3.86
C CYS A 24 9.57 -21.72 -4.08
N GLN A 25 10.56 -21.36 -4.89
CA GLN A 25 11.72 -22.19 -5.15
C GLN A 25 12.96 -21.52 -4.55
N ALA A 26 13.69 -22.25 -3.71
CA ALA A 26 14.91 -21.73 -3.09
C ALA A 26 16.13 -22.17 -3.90
N SER A 27 17.08 -21.25 -4.05
CA SER A 27 18.29 -21.58 -4.79
C SER A 27 19.26 -22.45 -4.01
N GLN A 28 19.06 -22.56 -2.70
CA GLN A 28 19.81 -23.45 -1.83
C GLN A 28 18.81 -24.11 -0.90
N SER A 29 19.10 -25.34 -0.49
CA SER A 29 18.18 -26.06 0.40
C SER A 29 18.10 -25.39 1.77
N ILE A 30 16.86 -25.24 2.27
CA ILE A 30 16.60 -24.58 3.54
C ILE A 30 15.72 -25.44 4.43
N SER A 31 15.72 -26.76 4.19
CA SER A 31 14.95 -27.71 4.99
C SER A 31 13.50 -27.26 5.02
N THR A 32 12.88 -27.06 6.18
CA THR A 32 11.51 -26.59 6.26
C THR A 32 11.45 -25.19 6.88
N ALA A 33 12.56 -24.45 6.81
CA ALA A 33 12.70 -23.15 7.45
C ALA A 33 12.23 -22.04 6.51
N LEU A 34 10.92 -21.98 6.38
CA LEU A 34 10.28 -21.13 5.38
C LEU A 34 8.93 -20.70 5.91
N VAL A 35 8.60 -19.43 5.68
CA VAL A 35 7.32 -18.91 6.11
C VAL A 35 6.57 -18.30 4.92
N TRP A 36 5.26 -18.13 5.14
CA TRP A 36 4.38 -17.42 4.22
C TRP A 36 3.69 -16.28 4.94
N TYR A 37 3.66 -15.12 4.25
CA TYR A 37 2.99 -13.91 4.70
C TYR A 37 1.84 -13.54 3.75
N GLN A 38 0.82 -12.91 4.33
CA GLN A 38 -0.28 -12.29 3.60
C GLN A 38 -0.24 -10.79 3.84
N GLN A 39 -0.23 -10.01 2.76
CA GLN A 39 -0.22 -8.55 2.91
C GLN A 39 -1.40 -7.84 2.23
N LYS A 40 -2.10 -7.05 3.02
CA LYS A 40 -3.14 -6.15 2.50
C LYS A 40 -2.80 -4.74 2.98
N PRO A 41 -3.18 -3.65 2.29
CA PRO A 41 -3.00 -2.25 2.81
C PRO A 41 -3.66 -2.05 4.18
N GLY A 42 -3.13 -1.15 5.02
CA GLY A 42 -3.72 -0.80 6.34
C GLY A 42 -2.95 -1.37 7.51
N GLN A 43 -2.33 -2.53 7.32
CA GLN A 43 -1.59 -3.22 8.40
C GLN A 43 -0.32 -3.82 7.80
N PRO A 44 0.73 -4.07 8.57
CA PRO A 44 1.91 -4.76 8.01
C PRO A 44 1.58 -6.15 7.51
N PRO A 45 2.51 -6.82 6.81
CA PRO A 45 2.30 -8.24 6.44
C PRO A 45 1.91 -9.07 7.65
N LYS A 46 1.06 -10.07 7.45
CA LYS A 46 0.58 -10.98 8.48
C LYS A 46 1.17 -12.36 8.27
N LEU A 47 1.77 -12.92 9.30
CA LEU A 47 2.28 -14.29 9.22
C LEU A 47 1.11 -15.27 9.10
N LEU A 48 1.17 -16.13 8.07
CA LEU A 48 0.15 -17.15 7.84
C LEU A 48 0.63 -18.52 8.27
N ILE A 49 1.84 -18.88 7.84
CA ILE A 49 2.40 -20.20 8.03
C ILE A 49 3.88 -20.05 8.35
N ARG A 50 4.36 -20.80 9.33
CA ARG A 50 5.79 -20.84 9.63
C ARG A 50 6.21 -22.31 9.62
N SER A 51 7.53 -22.52 9.55
CA SER A 51 8.09 -23.87 9.45
C SER A 51 7.37 -24.70 8.39
N THR A 52 7.18 -24.06 7.22
CA THR A 52 6.62 -24.65 6.00
C THR A 52 5.12 -24.96 6.07
N SER A 53 4.66 -25.54 7.17
CA SER A 53 3.32 -26.08 7.21
C SER A 53 2.55 -25.75 8.49
N THR A 54 3.15 -25.09 9.46
CA THR A 54 2.49 -24.81 10.73
C THR A 54 1.70 -23.51 10.62
N LEU A 55 0.38 -23.61 10.74
CA LEU A 55 -0.46 -22.42 10.68
C LEU A 55 -0.17 -21.51 11.87
N ALA A 56 -0.04 -20.22 11.61
CA ALA A 56 0.07 -19.25 12.69
C ALA A 56 -1.29 -19.06 13.36
N SER A 57 -1.28 -18.37 14.50
CA SER A 57 -2.50 -18.22 15.28
C SER A 57 -3.57 -17.50 14.46
N GLY A 58 -4.81 -17.98 14.59
CA GLY A 58 -5.97 -17.38 13.97
C GLY A 58 -6.15 -17.66 12.50
N VAL A 59 -5.24 -18.40 11.88
CA VAL A 59 -5.27 -18.60 10.43
C VAL A 59 -6.14 -19.82 10.13
N PRO A 60 -7.13 -19.70 9.25
CA PRO A 60 -8.03 -20.83 9.03
C PRO A 60 -7.36 -21.94 8.21
N SER A 61 -7.95 -23.12 8.32
CA SER A 61 -7.39 -24.33 7.76
C SER A 61 -7.43 -24.34 6.23
N ARG A 62 -8.15 -23.42 5.60
CA ARG A 62 -8.14 -23.44 4.14
C ARG A 62 -6.80 -23.01 3.57
N PHE A 63 -5.91 -22.46 4.40
CA PHE A 63 -4.52 -22.22 4.03
C PHE A 63 -3.67 -23.43 4.37
N LYS A 64 -2.88 -23.90 3.42
CA LYS A 64 -2.07 -25.08 3.62
C LYS A 64 -0.70 -24.87 3.00
N GLY A 65 0.34 -25.11 3.78
CA GLY A 65 1.70 -24.97 3.32
C GLY A 65 2.32 -26.35 3.22
N SER A 66 3.08 -26.57 2.15
CA SER A 66 3.72 -27.85 1.92
C SER A 66 5.10 -27.62 1.32
N GLY A 67 5.86 -28.70 1.26
CA GLY A 67 7.16 -28.69 0.61
C GLY A 67 8.29 -28.88 1.60
N SER A 68 9.49 -28.79 1.05
CA SER A 68 10.70 -28.96 1.83
C SER A 68 11.87 -28.77 0.88
N GLY A 69 13.02 -28.47 1.45
CA GLY A 69 14.27 -28.43 0.73
C GLY A 69 14.39 -27.18 -0.11
N THR A 70 14.08 -27.34 -1.38
CA THR A 70 14.09 -26.20 -2.26
C THR A 70 12.74 -25.90 -2.92
N GLN A 71 11.68 -26.66 -2.67
CA GLN A 71 10.39 -26.45 -3.32
C GLN A 71 9.28 -26.34 -2.28
N PHE A 72 8.54 -25.23 -2.30
CA PHE A 72 7.50 -24.95 -1.31
C PHE A 72 6.24 -24.46 -2.01
N THR A 73 5.09 -24.79 -1.44
CA THR A 73 3.82 -24.40 -2.03
C THR A 73 2.90 -23.87 -0.94
N LEU A 74 2.14 -22.83 -1.28
CA LEU A 74 1.01 -22.39 -0.48
C LEU A 74 -0.26 -22.61 -1.28
N THR A 75 -1.24 -23.27 -0.66
CA THR A 75 -2.53 -23.54 -1.27
C THR A 75 -3.61 -22.87 -0.44
N ILE A 76 -4.51 -22.16 -1.10
CA ILE A 76 -5.67 -21.54 -0.46
C ILE A 76 -6.90 -22.15 -1.10
N SER A 77 -7.68 -22.89 -0.33
CA SER A 77 -8.94 -23.44 -0.79
C SER A 77 -10.11 -22.61 -0.25
N ASP A 78 -11.30 -22.91 -0.76
CA ASP A 78 -12.52 -22.22 -0.33
C ASP A 78 -12.30 -20.71 -0.27
N LEU A 79 -11.79 -20.16 -1.36
CA LEU A 79 -11.38 -18.76 -1.36
C LEU A 79 -12.53 -17.84 -1.00
N GLU A 80 -12.22 -16.81 -0.22
CA GLU A 80 -13.14 -15.75 0.17
C GLU A 80 -12.57 -14.42 -0.30
N CYS A 81 -13.45 -13.43 -0.43
CA CYS A 81 -13.02 -12.08 -0.78
C CYS A 81 -11.99 -11.56 0.22
N ALA A 82 -12.09 -11.99 1.48
CA ALA A 82 -11.10 -11.58 2.49
C ALA A 82 -9.70 -12.10 2.21
N ASP A 83 -9.54 -13.04 1.28
CA ASP A 83 -8.24 -13.60 0.96
C ASP A 83 -7.53 -12.86 -0.17
N ALA A 84 -8.19 -11.90 -0.79
CA ALA A 84 -7.54 -11.06 -1.78
C ALA A 84 -6.40 -10.30 -1.14
N ALA A 85 -5.20 -10.51 -1.65
CA ALA A 85 -4.00 -10.00 -1.01
C ALA A 85 -2.78 -10.37 -1.84
N THR A 86 -1.61 -9.89 -1.44
CA THR A 86 -0.36 -10.36 -2.02
C THR A 86 0.34 -11.21 -0.97
N TYR A 87 0.79 -12.39 -1.39
CA TYR A 87 1.41 -13.38 -0.53
C TYR A 87 2.89 -13.47 -0.84
N TYR A 88 3.70 -13.55 0.22
CA TYR A 88 5.14 -13.65 0.08
C TYR A 88 5.68 -14.84 0.87
N CYS A 89 6.59 -15.59 0.26
CA CYS A 89 7.39 -16.53 1.07
C CYS A 89 8.63 -15.81 1.59
N GLN A 90 9.16 -16.33 2.69
CA GLN A 90 10.44 -15.87 3.19
C GLN A 90 11.23 -17.04 3.75
N SER A 91 12.47 -17.17 3.30
CA SER A 91 13.42 -18.05 3.96
C SER A 91 13.66 -17.58 5.39
N ALA A 92 13.85 -18.51 6.31
CA ALA A 92 14.04 -18.12 7.71
C ALA A 92 14.95 -19.14 8.39
N ALA A 93 16.20 -19.20 7.93
CA ALA A 93 17.11 -20.25 8.36
C ALA A 93 18.42 -19.63 8.82
N LEU A 94 19.08 -20.31 9.77
CA LEU A 94 20.48 -20.05 10.13
C LEU A 94 21.27 -21.27 9.70
N ILE A 95 22.24 -21.08 8.79
CA ILE A 95 23.02 -22.15 8.20
C ILE A 95 24.47 -21.68 8.15
N GLY A 96 25.35 -22.33 8.89
CA GLY A 96 26.77 -21.97 8.81
C GLY A 96 27.06 -20.55 9.21
N GLY A 97 26.36 -20.04 10.22
CA GLY A 97 26.56 -18.68 10.68
C GLY A 97 26.03 -17.61 9.76
N VAL A 98 25.19 -17.96 8.79
CA VAL A 98 24.60 -17.01 7.85
C VAL A 98 23.09 -17.09 8.00
N VAL A 99 22.41 -15.95 8.10
CA VAL A 99 20.95 -15.91 8.08
C VAL A 99 20.50 -15.92 6.62
N PHE A 100 19.70 -16.91 6.27
CA PHE A 100 19.02 -17.05 4.99
C PHE A 100 17.64 -16.43 5.22
N GLY A 101 17.48 -15.16 4.86
CA GLY A 101 16.26 -14.43 5.15
C GLY A 101 15.56 -13.79 3.97
N ALA A 102 15.92 -14.19 2.76
CA ALA A 102 15.37 -13.54 1.57
C ALA A 102 13.88 -13.82 1.40
N PHE A 103 13.16 -12.80 0.90
CA PHE A 103 11.78 -12.96 0.47
C PHE A 103 11.65 -13.38 -0.99
N GLY A 104 10.58 -14.12 -1.29
CA GLY A 104 10.14 -14.25 -2.66
C GLY A 104 9.50 -12.97 -3.16
N GLY A 105 9.34 -12.90 -4.47
CA GLY A 105 8.85 -11.69 -5.12
C GLY A 105 7.36 -11.40 -4.95
N GLY A 106 6.57 -12.33 -4.44
CA GLY A 106 5.17 -12.13 -4.16
C GLY A 106 4.26 -12.70 -5.25
N THR A 107 3.06 -13.07 -4.83
CA THR A 107 1.97 -13.52 -5.70
C THR A 107 0.73 -12.73 -5.31
N GLU A 108 0.20 -11.94 -6.25
CA GLU A 108 -1.08 -11.28 -6.05
C GLU A 108 -2.21 -12.28 -6.31
N VAL A 109 -3.14 -12.39 -5.36
CA VAL A 109 -4.33 -13.23 -5.52
C VAL A 109 -5.52 -12.32 -5.74
N VAL A 110 -6.18 -12.48 -6.89
CA VAL A 110 -7.42 -11.82 -7.22
C VAL A 110 -8.56 -12.79 -7.03
N VAL A 111 -9.56 -12.39 -6.26
CA VAL A 111 -10.71 -13.23 -5.98
C VAL A 111 -11.89 -12.71 -6.78
N ARG A 112 -12.48 -13.57 -7.59
CA ARG A 112 -13.55 -13.16 -8.49
C ARG A 112 -14.89 -13.39 -7.80
N GLY A 113 -15.53 -12.30 -7.39
CA GLY A 113 -16.86 -12.34 -6.83
C GLY A 113 -17.94 -12.16 -7.88
N ASP A 114 -19.12 -11.81 -7.39
CA ASP A 114 -20.23 -11.54 -8.28
C ASP A 114 -19.92 -10.34 -9.17
N PRO A 115 -20.21 -10.43 -10.46
CA PRO A 115 -20.02 -9.24 -11.31
C PRO A 115 -20.98 -8.12 -10.91
N VAL A 116 -20.44 -6.91 -10.90
CA VAL A 116 -21.19 -5.69 -10.58
C VAL A 116 -20.71 -4.61 -11.54
N ALA A 117 -21.66 -3.96 -12.25
CA ALA A 117 -21.30 -2.86 -13.16
C ALA A 117 -21.05 -1.58 -12.37
N PRO A 118 -20.05 -0.79 -12.78
CA PRO A 118 -19.76 0.45 -12.05
C PRO A 118 -20.85 1.49 -12.24
N THR A 119 -21.00 2.33 -11.23
CA THR A 119 -21.57 3.66 -11.45
C THR A 119 -20.42 4.65 -11.42
N VAL A 120 -20.65 5.83 -11.99
CA VAL A 120 -19.58 6.77 -12.30
C VAL A 120 -19.99 8.16 -11.86
N LEU A 121 -19.06 8.87 -11.24
CA LEU A 121 -19.22 10.24 -10.80
C LEU A 121 -18.11 11.09 -11.39
N ILE A 122 -18.43 12.31 -11.79
CA ILE A 122 -17.40 13.23 -12.24
C ILE A 122 -17.48 14.50 -11.41
N PHE A 123 -16.30 15.01 -11.04
CA PHE A 123 -16.21 16.16 -10.15
C PHE A 123 -15.47 17.31 -10.81
N PRO A 124 -16.17 18.36 -11.23
CA PRO A 124 -15.48 19.49 -11.83
C PRO A 124 -14.53 20.13 -10.83
N PRO A 125 -13.50 20.82 -11.33
CA PRO A 125 -12.54 21.43 -10.41
C PRO A 125 -13.16 22.51 -9.57
N ALA A 126 -12.82 22.51 -8.29
CA ALA A 126 -13.26 23.60 -7.43
C ALA A 126 -12.79 24.93 -7.99
N ALA A 127 -13.54 25.98 -7.67
CA ALA A 127 -13.30 27.27 -8.29
C ALA A 127 -11.90 27.83 -8.04
N ASP A 128 -11.24 27.42 -6.94
CA ASP A 128 -9.92 27.97 -6.63
C ASP A 128 -8.77 27.21 -7.28
N GLN A 129 -9.05 26.15 -8.03
CA GLN A 129 -7.96 25.46 -8.71
C GLN A 129 -7.34 26.31 -9.81
N VAL A 130 -8.15 26.99 -10.63
CA VAL A 130 -7.58 27.53 -11.86
C VAL A 130 -6.53 28.60 -11.56
N ALA A 131 -6.64 29.30 -10.42
CA ALA A 131 -5.62 30.27 -10.07
C ALA A 131 -4.24 29.66 -9.86
N THR A 132 -4.16 28.35 -9.59
CA THR A 132 -2.87 27.72 -9.33
C THR A 132 -2.06 27.48 -10.60
N GLY A 133 -2.69 27.56 -11.77
CA GLY A 133 -2.03 27.27 -13.02
C GLY A 133 -2.32 25.89 -13.57
N THR A 134 -2.90 25.01 -12.77
CA THR A 134 -3.26 23.68 -13.22
C THR A 134 -4.61 23.32 -12.62
N VAL A 135 -5.31 22.44 -13.32
CA VAL A 135 -6.66 22.01 -12.95
C VAL A 135 -6.65 20.50 -12.95
N THR A 136 -7.24 19.89 -11.92
CA THR A 136 -7.32 18.45 -11.79
C THR A 136 -8.79 18.06 -11.68
N ILE A 137 -9.28 17.31 -12.67
CA ILE A 137 -10.66 16.85 -12.74
C ILE A 137 -10.67 15.40 -12.25
N VAL A 138 -11.66 15.04 -11.43
CA VAL A 138 -11.67 13.72 -10.79
C VAL A 138 -12.89 12.96 -11.25
N CYS A 139 -12.69 11.70 -11.63
CA CYS A 139 -13.74 10.76 -11.96
C CYS A 139 -13.63 9.58 -11.02
N VAL A 140 -14.75 9.10 -10.51
CA VAL A 140 -14.76 7.94 -9.65
C VAL A 140 -15.66 6.86 -10.24
N ALA A 141 -15.15 5.63 -10.31
CA ALA A 141 -15.94 4.46 -10.68
C ALA A 141 -16.18 3.67 -9.40
N ASN A 142 -17.46 3.53 -9.04
CA ASN A 142 -17.88 2.94 -7.79
C ASN A 142 -18.17 1.45 -7.91
N LYS A 143 -17.68 0.71 -6.93
CA LYS A 143 -18.17 -0.62 -6.58
C LYS A 143 -18.40 -1.54 -7.77
N TYR A 144 -17.33 -2.08 -8.33
CA TYR A 144 -17.45 -2.84 -9.55
C TYR A 144 -16.54 -4.06 -9.54
N PHE A 145 -16.95 -5.06 -10.32
CA PHE A 145 -16.10 -6.20 -10.63
C PHE A 145 -16.64 -6.81 -11.91
N PRO A 146 -15.79 -7.20 -12.87
CA PRO A 146 -14.32 -7.19 -12.91
C PRO A 146 -13.73 -5.83 -13.28
N ASP A 147 -12.44 -5.80 -13.59
CA ASP A 147 -11.74 -4.55 -13.86
C ASP A 147 -12.36 -3.78 -15.04
N VAL A 148 -12.12 -2.46 -15.01
CA VAL A 148 -12.59 -1.53 -16.02
C VAL A 148 -11.40 -0.84 -16.66
N THR A 149 -11.66 -0.21 -17.80
CA THR A 149 -10.74 0.74 -18.38
C THR A 149 -11.43 2.09 -18.38
N VAL A 150 -10.64 3.15 -18.22
CA VAL A 150 -11.17 4.51 -18.17
C VAL A 150 -10.51 5.30 -19.29
N THR A 151 -11.33 6.09 -19.98
CA THR A 151 -10.84 7.05 -20.94
C THR A 151 -11.48 8.40 -20.64
N TRP A 152 -10.74 9.44 -21.00
CA TRP A 152 -11.17 10.80 -20.89
C TRP A 152 -11.31 11.40 -22.27
N GLU A 153 -12.39 12.12 -22.48
CA GLU A 153 -12.59 12.88 -23.70
C GLU A 153 -12.83 14.35 -23.38
N VAL A 154 -12.17 15.22 -24.13
CA VAL A 154 -12.35 16.67 -24.01
C VAL A 154 -12.87 17.14 -25.36
N ASP A 155 -14.10 17.67 -25.38
CA ASP A 155 -14.74 18.08 -26.63
C ASP A 155 -14.59 16.96 -27.66
N GLY A 156 -14.84 15.74 -27.21
CA GLY A 156 -14.83 14.58 -28.06
C GLY A 156 -13.46 13.99 -28.35
N THR A 157 -12.39 14.60 -27.88
CA THR A 157 -11.05 14.13 -28.21
C THR A 157 -10.52 13.26 -27.09
N THR A 158 -10.12 12.04 -27.42
CA THR A 158 -9.55 11.15 -26.42
C THR A 158 -8.23 11.69 -25.92
N GLN A 159 -8.10 11.78 -24.59
CA GLN A 159 -6.87 12.23 -23.97
C GLN A 159 -5.86 11.09 -23.84
N THR A 160 -4.61 11.40 -24.14
CA THR A 160 -3.53 10.43 -24.12
C THR A 160 -2.42 10.78 -23.13
N THR A 161 -2.52 11.92 -22.44
CA THR A 161 -1.58 12.33 -21.40
C THR A 161 -2.35 13.00 -20.27
N GLY A 162 -1.71 13.08 -19.11
CA GLY A 162 -2.26 13.79 -17.97
C GLY A 162 -3.22 12.98 -17.12
N ILE A 163 -3.28 11.67 -17.30
CA ILE A 163 -4.24 10.81 -16.59
C ILE A 163 -3.51 9.96 -15.56
N GLU A 164 -4.07 9.92 -14.35
CA GLU A 164 -3.54 9.10 -13.26
C GLU A 164 -4.68 8.33 -12.62
N ASN A 165 -4.51 7.02 -12.48
CA ASN A 165 -5.55 6.15 -11.96
C ASN A 165 -5.07 5.52 -10.67
N SER A 166 -6.01 5.34 -9.74
CA SER A 166 -5.73 4.73 -8.44
C SER A 166 -6.89 3.83 -8.06
N LYS A 167 -6.61 2.57 -7.82
CA LYS A 167 -7.63 1.57 -7.54
C LYS A 167 -7.52 1.13 -6.09
N THR A 168 -8.65 1.08 -5.39
CA THR A 168 -8.67 0.56 -4.04
C THR A 168 -8.45 -0.95 -4.04
N PRO A 169 -8.07 -1.53 -2.91
CA PRO A 169 -8.03 -2.98 -2.81
C PRO A 169 -9.42 -3.57 -2.97
N GLN A 170 -9.46 -4.85 -3.35
CA GLN A 170 -10.74 -5.54 -3.40
C GLN A 170 -11.43 -5.48 -2.04
N ASN A 171 -12.72 -5.19 -2.06
CA ASN A 171 -13.51 -5.16 -0.84
C ASN A 171 -13.47 -6.54 -0.19
N SER A 172 -13.19 -6.56 1.11
CA SER A 172 -13.02 -7.82 1.82
C SER A 172 -14.31 -8.61 1.95
N ALA A 173 -15.45 -7.98 1.69
CA ALA A 173 -16.76 -8.63 1.80
C ALA A 173 -17.31 -9.09 0.45
N ASP A 174 -17.26 -8.24 -0.58
CA ASP A 174 -17.88 -8.57 -1.87
C ASP A 174 -16.93 -8.49 -3.06
N CYS A 175 -15.64 -8.29 -2.83
CA CYS A 175 -14.59 -8.38 -3.84
C CYS A 175 -14.57 -7.20 -4.83
N THR A 176 -15.43 -6.20 -4.66
CA THR A 176 -15.45 -5.14 -5.65
C THR A 176 -14.29 -4.15 -5.50
N TYR A 177 -14.02 -3.46 -6.60
CA TYR A 177 -13.07 -2.38 -6.67
C TYR A 177 -13.77 -1.03 -6.66
N ASN A 178 -13.00 0.01 -6.39
CA ASN A 178 -13.35 1.39 -6.66
C ASN A 178 -12.16 2.04 -7.34
N LEU A 179 -12.39 3.00 -8.22
CA LEU A 179 -11.31 3.61 -8.98
C LEU A 179 -11.46 5.12 -8.96
N SER A 180 -10.36 5.83 -8.71
CA SER A 180 -10.29 7.25 -9.04
C SER A 180 -9.42 7.42 -10.28
N SER A 181 -9.90 8.23 -11.22
CA SER A 181 -9.13 8.64 -12.37
C SER A 181 -9.08 10.16 -12.35
N THR A 182 -7.89 10.75 -12.48
CA THR A 182 -7.80 12.19 -12.57
C THR A 182 -7.16 12.63 -13.87
N LEU A 183 -7.68 13.72 -14.41
CA LEU A 183 -7.13 14.37 -15.58
C LEU A 183 -6.60 15.73 -15.15
N THR A 184 -5.32 15.97 -15.39
CA THR A 184 -4.70 17.24 -15.04
C THR A 184 -4.31 17.97 -16.31
N LEU A 185 -4.67 19.26 -16.35
CA LEU A 185 -4.45 20.13 -17.50
C LEU A 185 -3.94 21.46 -16.97
N THR A 186 -3.28 22.23 -17.84
CA THR A 186 -3.00 23.60 -17.44
C THR A 186 -4.31 24.38 -17.41
N SER A 187 -4.29 25.50 -16.70
CA SER A 187 -5.47 26.35 -16.63
C SER A 187 -5.88 26.82 -18.01
N THR A 188 -4.89 27.16 -18.86
CA THR A 188 -5.24 27.60 -20.20
C THR A 188 -5.88 26.49 -21.00
N GLN A 189 -5.37 25.26 -20.88
CA GLN A 189 -5.97 24.13 -21.57
C GLN A 189 -7.41 23.93 -21.10
N TYR A 190 -7.61 23.97 -19.79
CA TYR A 190 -8.95 23.77 -19.23
C TYR A 190 -9.90 24.83 -19.75
N ASN A 191 -9.47 26.10 -19.76
CA ASN A 191 -10.34 27.20 -20.18
C ASN A 191 -10.52 27.26 -21.69
N SER A 192 -9.83 26.40 -22.43
CA SER A 192 -9.88 26.37 -23.89
C SER A 192 -10.85 25.34 -24.43
N HIS A 193 -11.47 24.55 -23.57
CA HIS A 193 -12.41 23.52 -24.01
C HIS A 193 -13.66 23.58 -23.14
N LYS A 194 -14.72 22.96 -23.67
CA LYS A 194 -16.04 23.07 -23.08
C LYS A 194 -16.41 21.83 -22.27
N GLU A 195 -16.43 20.67 -22.92
CA GLU A 195 -17.00 19.47 -22.33
C GLU A 195 -15.91 18.50 -21.91
N TYR A 196 -16.03 18.03 -20.66
CA TYR A 196 -15.13 17.08 -20.03
C TYR A 196 -15.91 15.80 -19.74
N THR A 197 -15.39 14.68 -20.25
CA THR A 197 -16.09 13.41 -20.19
C THR A 197 -15.19 12.31 -19.65
N CYS A 198 -15.69 11.57 -18.65
CA CYS A 198 -15.07 10.36 -18.13
C CYS A 198 -15.89 9.18 -18.62
N LYS A 199 -15.25 8.22 -19.28
CA LYS A 199 -15.90 7.03 -19.82
C LYS A 199 -15.29 5.80 -19.18
N VAL A 200 -16.11 4.99 -18.52
CA VAL A 200 -15.65 3.78 -17.84
C VAL A 200 -16.26 2.58 -18.56
N THR A 201 -15.40 1.67 -18.99
CA THR A 201 -15.81 0.53 -19.81
C THR A 201 -15.49 -0.77 -19.09
N GLN A 202 -16.48 -1.66 -19.06
CA GLN A 202 -16.38 -2.96 -18.42
C GLN A 202 -16.87 -3.97 -19.45
N GLY A 203 -15.97 -4.79 -19.97
CA GLY A 203 -16.35 -5.67 -21.06
C GLY A 203 -16.70 -4.80 -22.25
N THR A 204 -17.95 -4.92 -22.71
CA THR A 204 -18.42 -4.11 -23.82
C THR A 204 -19.39 -3.02 -23.40
N THR A 205 -19.63 -2.84 -22.11
CA THR A 205 -20.60 -1.84 -21.68
C THR A 205 -19.87 -0.67 -21.08
N SER A 206 -20.31 0.53 -21.42
CA SER A 206 -19.67 1.74 -20.96
C SER A 206 -20.65 2.60 -20.21
N VAL A 207 -20.12 3.34 -19.25
CA VAL A 207 -20.85 4.29 -18.44
C VAL A 207 -20.10 5.59 -18.58
N VAL A 208 -20.81 6.67 -18.90
CA VAL A 208 -20.19 7.95 -19.21
C VAL A 208 -20.78 9.00 -18.29
N GLN A 209 -19.92 9.91 -17.81
CA GLN A 209 -20.38 11.14 -17.16
C GLN A 209 -19.60 12.32 -17.72
N SER A 210 -20.31 13.43 -17.92
CA SER A 210 -19.70 14.64 -18.47
C SER A 210 -20.18 15.87 -17.71
N PHE A 211 -19.42 16.94 -17.87
CA PHE A 211 -19.88 18.27 -17.49
C PHE A 211 -19.31 19.26 -18.51
N ASN A 212 -19.95 20.41 -18.58
CA ASN A 212 -19.45 21.54 -19.34
C ASN A 212 -18.84 22.56 -18.39
N ARG A 213 -17.59 22.95 -18.67
CA ARG A 213 -16.90 23.90 -17.81
C ARG A 213 -17.76 25.10 -17.46
N GLY A 214 -18.40 25.72 -18.45
CA GLY A 214 -19.12 26.96 -18.19
C GLY A 214 -20.35 26.81 -17.30
N ASP A 215 -20.82 25.58 -17.07
CA ASP A 215 -22.02 25.33 -16.29
C ASP A 215 -21.75 25.19 -14.79
N CYS A 216 -20.52 24.89 -14.40
CA CYS A 216 -20.24 24.55 -13.01
C CYS A 216 -19.47 25.64 -12.28
N PCA B 1 2.78 -7.80 23.48
CA PCA B 1 3.94 -7.19 22.86
CB PCA B 1 4.80 -8.40 22.51
CG PCA B 1 3.78 -9.49 22.29
CD PCA B 1 2.65 -9.09 23.19
OE PCA B 1 1.75 -9.82 23.60
C PCA B 1 3.69 -6.32 21.63
O PCA B 1 2.77 -6.61 20.87
H PCA B 1 2.24 -7.33 23.99
HA PCA B 1 4.37 -6.64 23.56
HB2 PCA B 1 5.31 -8.24 21.68
HB3 PCA B 1 5.45 -8.62 23.21
HG2 PCA B 1 3.48 -9.52 21.36
HG3 PCA B 1 4.11 -10.37 22.56
N SER B 2 4.52 -5.29 21.44
CA SER B 2 4.33 -4.37 20.29
C SER B 2 5.67 -3.81 19.79
N LEU B 3 5.68 -3.34 18.55
CA LEU B 3 6.89 -2.74 17.93
C LEU B 3 6.44 -1.43 17.29
N GLU B 4 7.30 -0.42 17.33
CA GLU B 4 7.00 0.84 16.60
C GLU B 4 8.29 1.40 16.01
N GLU B 5 8.32 1.58 14.69
CA GLU B 5 9.43 2.22 14.01
C GLU B 5 9.28 3.72 14.04
N SER B 6 10.41 4.42 14.10
CA SER B 6 10.43 5.87 14.04
C SER B 6 11.65 6.33 13.26
N GLY B 7 11.59 7.59 12.82
CA GLY B 7 12.69 8.24 12.16
C GLY B 7 12.50 8.50 10.68
N GLY B 8 11.43 7.98 10.10
CA GLY B 8 11.22 8.20 8.69
C GLY B 8 10.94 9.65 8.35
N GLY B 9 11.33 10.02 7.15
CA GLY B 9 11.01 11.33 6.65
C GLY B 9 11.73 11.57 5.34
N LEU B 10 11.66 12.82 4.92
CA LEU B 10 12.34 13.27 3.72
C LEU B 10 13.82 13.42 3.98
N VAL B 11 14.65 12.85 3.09
CA VAL B 11 16.10 13.01 3.14
C VAL B 11 16.64 13.27 1.74
N THR B 12 17.60 14.19 1.66
CA THR B 12 18.19 14.56 0.39
C THR B 12 19.05 13.43 -0.15
N PRO B 13 19.06 13.21 -1.47
CA PRO B 13 19.95 12.18 -2.03
C PRO B 13 21.40 12.45 -1.64
N GLY B 14 22.09 11.39 -1.29
CA GLY B 14 23.42 11.50 -0.75
C GLY B 14 23.48 11.57 0.75
N GLY B 15 22.33 11.70 1.42
CA GLY B 15 22.30 11.91 2.84
C GLY B 15 22.27 10.62 3.62
N ILE B 16 22.06 10.78 4.93
CA ILE B 16 22.07 9.67 5.90
C ILE B 16 20.79 9.76 6.70
N LEU B 17 20.41 8.64 7.29
CA LEU B 17 19.25 8.61 8.16
C LEU B 17 19.39 7.46 9.14
N THR B 18 18.91 7.66 10.36
CA THR B 18 18.85 6.59 11.34
C THR B 18 17.40 6.32 11.75
N LEU B 19 16.95 5.08 11.57
CA LEU B 19 15.65 4.67 12.06
C LEU B 19 15.80 3.94 13.38
N THR B 20 14.74 3.94 14.17
CA THR B 20 14.73 3.23 15.45
C THR B 20 13.51 2.32 15.51
N CYS B 21 13.72 1.13 16.04
CA CYS B 21 12.67 0.18 16.37
C CYS B 21 12.59 0.12 17.89
N THR B 22 11.43 0.42 18.45
CA THR B 22 11.20 0.41 19.90
C THR B 22 10.23 -0.70 20.24
N ALA B 23 10.64 -1.58 21.13
CA ALA B 23 9.85 -2.71 21.58
C ALA B 23 9.19 -2.39 22.92
N SER B 24 8.00 -2.96 23.10
CA SER B 24 7.31 -2.95 24.38
C SER B 24 6.80 -4.35 24.68
N GLY B 25 6.99 -4.78 25.93
CA GLY B 25 6.39 -6.01 26.40
C GLY B 25 7.23 -7.26 26.23
N PHE B 26 8.47 -7.13 25.79
CA PHE B 26 9.35 -8.30 25.65
C PHE B 26 10.78 -7.79 25.60
N ASP B 27 11.72 -8.73 25.72
CA ASP B 27 13.15 -8.44 25.70
C ASP B 27 13.70 -8.72 24.31
N ILE B 28 14.11 -7.64 23.63
CA ILE B 28 14.64 -7.77 22.27
C ILE B 28 15.85 -8.70 22.22
N SER B 29 16.59 -8.82 23.32
CA SER B 29 17.79 -9.64 23.31
C SER B 29 17.49 -11.10 22.97
N ARG B 30 16.25 -11.52 23.16
CA ARG B 30 15.88 -12.93 23.00
C ARG B 30 15.40 -13.26 21.58
N HIS B 31 15.48 -12.31 20.65
CA HIS B 31 14.88 -12.43 19.33
C HIS B 31 15.81 -11.91 18.25
N TYR B 32 15.67 -12.45 17.05
CA TYR B 32 16.33 -11.91 15.86
C TYR B 32 15.53 -10.71 15.40
N MET B 33 15.81 -9.55 15.96
CA MET B 33 15.16 -8.32 15.54
C MET B 33 15.60 -8.00 14.13
N THR B 34 14.62 -7.81 13.24
CA THR B 34 14.88 -7.83 11.81
C THR B 34 14.31 -6.60 11.14
N TRP B 35 15.09 -6.02 10.23
CA TRP B 35 14.64 -4.91 9.40
C TRP B 35 14.30 -5.40 7.99
N VAL B 36 13.14 -4.96 7.51
CA VAL B 36 12.56 -5.28 6.22
C VAL B 36 12.12 -3.98 5.59
N ARG B 37 12.27 -3.85 4.28
CA ARG B 37 11.73 -2.68 3.61
C ARG B 37 10.90 -3.08 2.40
N GLN B 38 10.11 -2.12 1.95
CA GLN B 38 9.22 -2.33 0.82
C GLN B 38 9.09 -1.00 0.08
N ALA B 39 9.70 -0.93 -1.09
CA ALA B 39 9.54 0.22 -1.95
C ALA B 39 8.10 0.27 -2.44
N PRO B 40 7.58 1.45 -2.72
CA PRO B 40 6.16 1.52 -3.09
C PRO B 40 5.86 0.72 -4.34
N GLY B 41 4.85 -0.14 -4.24
CA GLY B 41 4.46 -0.97 -5.36
C GLY B 41 5.32 -2.20 -5.57
N GLU B 42 6.29 -2.45 -4.71
CA GLU B 42 7.27 -3.50 -4.89
C GLU B 42 7.17 -4.50 -3.74
N GLY B 43 8.09 -5.46 -3.71
CA GLY B 43 8.03 -6.54 -2.76
C GLY B 43 8.77 -6.25 -1.46
N LEU B 44 8.59 -7.15 -0.50
CA LEU B 44 9.35 -7.10 0.72
C LEU B 44 10.80 -7.50 0.49
N GLU B 45 11.70 -6.86 1.24
CA GLU B 45 13.14 -7.07 1.10
C GLU B 45 13.79 -7.13 2.48
N TRP B 46 14.45 -8.24 2.78
CA TRP B 46 15.19 -8.40 4.02
C TRP B 46 16.48 -7.57 3.99
N ILE B 47 16.66 -6.72 5.00
CA ILE B 47 17.88 -5.93 5.13
C ILE B 47 18.90 -6.61 6.02
N GLY B 48 18.49 -6.97 7.23
CA GLY B 48 19.39 -7.55 8.20
C GLY B 48 18.70 -7.80 9.51
N SER B 49 19.42 -8.46 10.42
CA SER B 49 18.90 -8.91 11.70
C SER B 49 19.98 -8.77 12.77
N ILE B 50 19.52 -8.64 14.02
CA ILE B 50 20.42 -8.63 15.17
C ILE B 50 19.86 -9.53 16.26
N TYR B 51 20.71 -10.43 16.75
CA TYR B 51 20.36 -11.39 17.80
C TYR B 51 21.43 -11.24 18.85
N GLY B 52 21.07 -10.58 19.95
CA GLY B 52 22.03 -10.30 20.99
C GLY B 52 23.13 -9.43 20.41
N GLY B 53 24.36 -9.95 20.42
CA GLY B 53 25.54 -9.30 19.90
C GLY B 53 25.88 -9.59 18.46
N SER B 54 25.11 -10.45 17.79
CA SER B 54 25.43 -10.91 16.45
C SER B 54 24.56 -10.16 15.43
N THR B 55 25.19 -9.64 14.38
CA THR B 55 24.44 -9.01 13.29
C THR B 55 24.63 -9.77 12.00
N TYR B 56 23.60 -9.69 11.16
CA TYR B 56 23.51 -10.41 9.90
C TYR B 56 22.94 -9.46 8.87
N TYR B 57 23.58 -9.39 7.70
CA TYR B 57 23.11 -8.50 6.66
C TYR B 57 22.89 -9.21 5.33
N ALA B 58 21.87 -8.78 4.60
CA ALA B 58 21.78 -9.14 3.20
C ALA B 58 22.99 -8.59 2.46
N SER B 59 23.47 -9.34 1.46
CA SER B 59 24.69 -8.94 0.77
C SER B 59 24.53 -7.57 0.13
N TRP B 60 23.34 -7.26 -0.38
CA TRP B 60 23.10 -5.96 -1.03
C TRP B 60 23.24 -4.80 -0.05
N ALA B 61 23.07 -5.05 1.26
CA ALA B 61 23.03 -3.99 2.27
C ALA B 61 24.33 -3.82 3.06
N LYS B 62 25.21 -4.80 3.03
CA LYS B 62 26.45 -4.76 3.79
C LYS B 62 27.23 -3.47 3.54
N GLY B 63 27.70 -2.85 4.62
CA GLY B 63 28.47 -1.62 4.54
C GLY B 63 27.65 -0.34 4.56
N ARG B 64 26.53 -0.32 3.86
CA ARG B 64 25.71 0.88 3.76
C ARG B 64 24.62 0.96 4.83
N PHE B 65 24.25 -0.18 5.40
CA PHE B 65 23.22 -0.29 6.42
C PHE B 65 23.87 -0.94 7.62
N THR B 66 23.63 -0.38 8.80
CA THR B 66 24.22 -0.90 10.03
C THR B 66 23.14 -0.98 11.09
N ILE B 67 23.08 -2.12 11.77
CA ILE B 67 22.07 -2.38 12.82
C ILE B 67 22.81 -2.47 14.14
N SER B 68 22.29 -1.79 15.16
CA SER B 68 22.86 -1.91 16.50
C SER B 68 21.78 -1.80 17.57
N LYS B 69 22.10 -2.32 18.74
CA LYS B 69 21.25 -2.21 19.91
C LYS B 69 21.59 -0.89 20.60
N THR B 70 20.58 -0.08 20.86
CA THR B 70 20.82 1.24 21.42
C THR B 70 20.20 1.43 22.80
N SER B 71 19.44 0.47 23.29
CA SER B 71 18.98 0.46 24.68
C SER B 71 18.37 -0.92 24.92
N SER B 72 17.86 -1.11 26.12
CA SER B 72 17.20 -2.37 26.44
C SER B 72 15.95 -2.60 25.62
N THR B 73 15.42 -1.57 24.96
CA THR B 73 14.19 -1.71 24.19
C THR B 73 14.32 -1.24 22.75
N THR B 74 15.50 -0.83 22.30
CA THR B 74 15.59 -0.27 20.95
C THR B 74 16.74 -0.84 20.14
N VAL B 75 16.49 -1.03 18.85
CA VAL B 75 17.54 -1.30 17.86
C VAL B 75 17.43 -0.19 16.81
N ASP B 76 18.56 0.18 16.23
CA ASP B 76 18.51 1.15 15.14
C ASP B 76 18.96 0.55 13.82
N LEU B 77 18.74 1.35 12.78
CA LEU B 77 19.17 1.07 11.42
C LEU B 77 19.77 2.36 10.90
N LYS B 78 21.08 2.37 10.70
CA LYS B 78 21.77 3.54 10.17
C LYS B 78 22.04 3.28 8.70
N MET B 79 21.58 4.20 7.86
CA MET B 79 21.65 4.09 6.41
C MET B 79 22.44 5.27 5.84
N THR B 80 23.31 5.00 4.86
CA THR B 80 24.15 6.04 4.28
C THR B 80 24.07 6.00 2.75
N SER B 81 24.61 7.06 2.12
CA SER B 81 24.60 7.25 0.66
C SER B 81 23.24 6.92 0.05
N LEU B 82 22.21 7.56 0.59
CA LEU B 82 20.85 7.26 0.18
C LEU B 82 20.55 7.79 -1.22
N THR B 83 19.82 6.99 -2.00
CA THR B 83 19.29 7.45 -3.28
C THR B 83 17.81 7.10 -3.35
N THR B 84 17.17 7.49 -4.46
CA THR B 84 15.75 7.24 -4.59
C THR B 84 15.43 5.75 -4.56
N GLU B 85 16.40 4.90 -4.86
CA GLU B 85 16.19 3.46 -4.73
C GLU B 85 15.93 3.03 -3.28
N ASP B 86 16.23 3.89 -2.30
CA ASP B 86 16.03 3.55 -0.91
C ASP B 86 14.72 4.08 -0.35
N THR B 87 13.96 4.81 -1.17
CA THR B 87 12.63 5.21 -0.77
C THR B 87 11.75 3.98 -0.55
N ALA B 88 11.16 3.89 0.62
CA ALA B 88 10.47 2.67 1.02
C ALA B 88 9.84 2.84 2.38
N THR B 89 8.89 1.96 2.69
CA THR B 89 8.49 1.76 4.09
C THR B 89 9.44 0.76 4.73
N TYR B 90 9.95 1.10 5.90
CA TYR B 90 10.88 0.26 6.65
C TYR B 90 10.16 -0.29 7.86
N PHE B 91 10.22 -1.60 8.00
CA PHE B 91 9.57 -2.29 9.11
C PHE B 91 10.54 -3.04 9.97
N CYS B 92 10.24 -3.10 11.25
CA CYS B 92 10.96 -4.02 12.12
C CYS B 92 10.05 -5.17 12.53
N VAL B 93 10.67 -6.33 12.64
CA VAL B 93 9.99 -7.59 12.84
C VAL B 93 10.67 -8.33 13.98
N ARG B 94 9.88 -8.91 14.85
CA ARG B 94 10.43 -9.75 15.91
C ARG B 94 10.64 -11.15 15.35
N GLY B 95 11.87 -11.47 14.99
CA GLY B 95 12.23 -12.77 14.46
C GLY B 95 12.41 -12.78 12.96
N VAL B 96 13.28 -13.66 12.49
CA VAL B 96 13.33 -13.97 11.07
C VAL B 96 12.16 -14.89 10.78
N GLY B 97 11.27 -14.45 9.89
CA GLY B 97 10.03 -15.15 9.70
C GLY B 97 9.08 -14.99 10.86
N GLY B 98 9.16 -13.86 11.56
CA GLY B 98 8.32 -13.65 12.72
C GLY B 98 6.95 -13.06 12.41
N GLY B 99 6.11 -13.08 13.44
CA GLY B 99 4.74 -12.63 13.31
C GLY B 99 4.43 -11.25 13.85
N LEU B 100 5.30 -10.70 14.68
CA LEU B 100 5.08 -9.38 15.27
C LEU B 100 5.87 -8.36 14.46
N TRP B 101 5.13 -7.39 13.88
CA TRP B 101 5.64 -6.35 13.01
C TRP B 101 5.24 -4.99 13.57
N GLY B 102 6.08 -3.99 13.38
CA GLY B 102 5.63 -2.63 13.53
C GLY B 102 4.81 -2.18 12.34
N PRO B 103 4.19 -1.00 12.47
CA PRO B 103 3.38 -0.48 11.35
C PRO B 103 4.19 0.06 10.20
N GLY B 104 5.48 0.29 10.41
CA GLY B 104 6.38 0.80 9.40
C GLY B 104 6.59 2.29 9.53
N THR B 105 7.74 2.74 9.02
CA THR B 105 8.06 4.16 8.92
C THR B 105 8.56 4.44 7.50
N LEU B 106 8.10 5.55 6.93
CA LEU B 106 8.35 5.85 5.53
C LEU B 106 9.57 6.73 5.34
N VAL B 107 10.51 6.28 4.51
CA VAL B 107 11.69 7.04 4.14
C VAL B 107 11.52 7.47 2.69
N THR B 108 11.64 8.77 2.43
CA THR B 108 11.48 9.35 1.11
C THR B 108 12.78 10.04 0.75
N VAL B 109 13.51 9.51 -0.22
CA VAL B 109 14.76 10.12 -0.63
C VAL B 109 14.47 11.00 -1.83
N SER B 110 14.54 12.33 -1.64
CA SER B 110 14.16 13.30 -2.65
C SER B 110 14.83 14.61 -2.32
N SER B 111 15.13 15.40 -3.36
CA SER B 111 15.69 16.73 -3.21
C SER B 111 14.63 17.77 -2.82
N GLY B 112 13.35 17.46 -2.93
CA GLY B 112 12.34 18.44 -2.64
C GLY B 112 12.26 18.80 -1.16
N GLN B 113 11.92 20.06 -0.89
CA GLN B 113 11.56 20.48 0.48
C GLN B 113 10.16 19.96 0.82
N PRO B 114 9.85 19.78 2.11
CA PRO B 114 8.47 19.39 2.46
C PRO B 114 7.48 20.38 1.86
N LYS B 115 6.36 19.87 1.37
CA LYS B 115 5.36 20.70 0.71
C LYS B 115 4.00 20.26 1.17
N ALA B 116 3.24 21.18 1.76
CA ALA B 116 1.93 20.87 2.26
C ALA B 116 0.95 20.66 1.12
N PRO B 117 -0.06 19.82 1.31
CA PRO B 117 -1.03 19.59 0.24
C PRO B 117 -1.95 20.79 0.03
N SER B 118 -2.38 20.94 -1.21
CA SER B 118 -3.51 21.80 -1.54
C SER B 118 -4.77 20.96 -1.52
N VAL B 119 -5.80 21.43 -0.82
CA VAL B 119 -7.00 20.65 -0.61
C VAL B 119 -8.15 21.33 -1.33
N PHE B 120 -8.81 20.58 -2.21
CA PHE B 120 -9.91 21.12 -2.99
C PHE B 120 -11.15 20.26 -2.82
N PRO B 121 -12.32 20.87 -2.65
CA PRO B 121 -13.54 20.09 -2.53
C PRO B 121 -13.91 19.40 -3.83
N LEU B 122 -14.59 18.26 -3.71
CA LEU B 122 -15.15 17.52 -4.83
C LEU B 122 -16.66 17.45 -4.64
N ALA B 123 -17.42 18.00 -5.59
CA ALA B 123 -18.86 17.99 -5.49
C ALA B 123 -19.44 17.97 -6.90
N PRO B 124 -20.67 17.50 -7.06
CA PRO B 124 -21.26 17.46 -8.40
C PRO B 124 -21.46 18.84 -8.99
N CYS B 125 -21.46 18.88 -10.32
CA CYS B 125 -21.70 20.13 -11.02
C CYS B 125 -23.03 20.78 -10.63
N CYS B 126 -22.97 22.09 -10.39
CA CYS B 126 -24.14 22.95 -10.31
C CYS B 126 -25.07 22.70 -11.49
N GLY B 127 -26.34 22.45 -11.19
CA GLY B 127 -27.30 22.26 -12.24
C GLY B 127 -27.54 20.83 -12.66
N ASP B 128 -26.85 19.87 -12.05
CA ASP B 128 -27.33 18.48 -12.07
C ASP B 128 -28.47 18.38 -11.07
N THR B 129 -29.47 17.56 -11.38
CA THR B 129 -30.54 17.32 -10.42
C THR B 129 -29.95 16.95 -9.06
N PRO B 130 -30.35 17.62 -7.97
CA PRO B 130 -29.79 17.27 -6.66
C PRO B 130 -30.33 15.94 -6.15
N SER B 131 -29.59 15.35 -5.21
CA SER B 131 -29.96 14.09 -4.58
C SER B 131 -29.74 14.19 -3.08
N SER B 132 -30.67 13.61 -2.31
CA SER B 132 -30.59 13.66 -0.85
C SER B 132 -29.36 12.92 -0.35
N THR B 133 -29.02 11.79 -0.97
CA THR B 133 -27.75 11.13 -0.75
C THR B 133 -26.81 11.53 -1.88
N VAL B 134 -25.66 12.06 -1.52
CA VAL B 134 -24.70 12.62 -2.47
C VAL B 134 -23.31 12.17 -2.06
N THR B 135 -22.47 11.92 -3.06
CA THR B 135 -21.07 11.59 -2.81
C THR B 135 -20.25 12.87 -2.98
N LEU B 136 -19.56 13.25 -1.92
CA LEU B 136 -18.71 14.41 -1.87
C LEU B 136 -17.29 13.95 -1.55
N GLY B 137 -16.33 14.82 -1.77
CA GLY B 137 -14.96 14.41 -1.50
C GLY B 137 -14.01 15.56 -1.35
N CYS B 138 -12.74 15.20 -1.18
CA CYS B 138 -11.65 16.15 -1.21
C CYS B 138 -10.50 15.58 -2.02
N LEU B 139 -9.94 16.45 -2.85
CA LEU B 139 -8.71 16.21 -3.60
C LEU B 139 -7.56 16.79 -2.79
N VAL B 140 -6.57 15.96 -2.50
CA VAL B 140 -5.42 16.33 -1.69
C VAL B 140 -4.22 16.30 -2.63
N LYS B 141 -3.76 17.47 -3.08
CA LYS B 141 -2.90 17.56 -4.25
C LYS B 141 -1.53 18.17 -3.93
N GLY B 142 -0.50 17.55 -4.46
CA GLY B 142 0.79 18.21 -4.56
C GLY B 142 1.61 18.26 -3.29
N TYR B 143 1.64 17.18 -2.52
CA TYR B 143 2.36 17.18 -1.24
C TYR B 143 3.59 16.29 -1.30
N LEU B 144 4.49 16.54 -0.33
CA LEU B 144 5.73 15.79 -0.21
C LEU B 144 6.23 15.93 1.22
N PRO B 145 6.63 14.85 1.90
CA PRO B 145 6.50 13.43 1.56
C PRO B 145 5.15 12.88 2.00
N GLU B 146 4.91 11.60 1.68
CA GLU B 146 3.91 10.82 2.39
C GLU B 146 4.32 10.71 3.85
N PRO B 147 3.37 10.48 4.78
CA PRO B 147 1.93 10.36 4.59
C PRO B 147 1.17 11.65 4.87
N VAL B 148 -0.10 11.63 4.44
CA VAL B 148 -1.13 12.52 4.94
C VAL B 148 -2.16 11.66 5.64
N THR B 149 -2.91 12.28 6.55
CA THR B 149 -4.05 11.65 7.19
C THR B 149 -5.29 12.42 6.78
N VAL B 150 -6.29 11.71 6.26
CA VAL B 150 -7.57 12.30 5.88
C VAL B 150 -8.65 11.69 6.76
N THR B 151 -9.38 12.56 7.45
CA THR B 151 -10.56 12.18 8.21
C THR B 151 -11.74 13.01 7.72
N TRP B 152 -12.94 12.57 8.10
CA TRP B 152 -14.17 13.25 7.78
C TRP B 152 -14.92 13.60 9.07
N ASN B 153 -15.35 14.85 9.17
CA ASN B 153 -16.03 15.33 10.36
C ASN B 153 -15.28 14.90 11.63
N SER B 154 -13.96 15.05 11.58
CA SER B 154 -13.07 14.86 12.73
C SER B 154 -13.18 13.43 13.26
N GLY B 155 -13.38 12.48 12.36
CA GLY B 155 -13.43 11.09 12.72
C GLY B 155 -14.80 10.58 13.06
N THR B 156 -15.81 11.45 13.09
CA THR B 156 -17.15 11.04 13.45
C THR B 156 -17.92 10.48 12.26
N LEU B 157 -17.39 10.66 11.05
CA LEU B 157 -17.96 10.10 9.82
C LEU B 157 -16.97 9.11 9.24
N THR B 158 -17.30 7.81 9.29
CA THR B 158 -16.38 6.79 8.85
C THR B 158 -17.01 5.81 7.86
N ASN B 159 -18.31 5.57 7.99
CA ASN B 159 -18.99 4.60 7.14
C ASN B 159 -19.01 5.10 5.71
N GLY B 160 -18.59 4.26 4.77
CA GLY B 160 -18.65 4.61 3.37
C GLY B 160 -17.62 5.62 2.92
N VAL B 161 -16.50 5.73 3.64
CA VAL B 161 -15.38 6.56 3.22
C VAL B 161 -14.47 5.72 2.34
N ARG B 162 -14.12 6.26 1.18
CA ARG B 162 -13.18 5.65 0.26
C ARG B 162 -12.03 6.62 0.07
N THR B 163 -10.89 6.32 0.69
CA THR B 163 -9.69 7.11 0.49
C THR B 163 -8.76 6.31 -0.40
N PHE B 164 -8.56 6.79 -1.58
CA PHE B 164 -7.83 6.06 -2.60
C PHE B 164 -6.34 6.08 -2.31
N PRO B 165 -5.61 5.06 -2.76
CA PRO B 165 -4.15 5.09 -2.59
C PRO B 165 -3.55 6.31 -3.25
N SER B 166 -2.54 6.88 -2.61
CA SER B 166 -1.85 8.01 -3.21
C SER B 166 -1.17 7.56 -4.50
N VAL B 167 -0.93 8.53 -5.37
CA VAL B 167 -0.20 8.33 -6.61
C VAL B 167 0.89 9.38 -6.65
N ARG B 168 2.09 9.00 -7.06
CA ARG B 168 3.18 9.94 -7.17
C ARG B 168 3.28 10.41 -8.61
N GLN B 169 3.15 11.73 -8.80
CA GLN B 169 3.25 12.36 -10.10
C GLN B 169 4.69 12.27 -10.62
N SER B 170 4.87 12.46 -11.93
CA SER B 170 6.25 12.47 -12.45
C SER B 170 7.06 13.61 -11.86
N SER B 171 6.41 14.68 -11.39
CA SER B 171 7.14 15.74 -10.70
C SER B 171 7.76 15.28 -9.39
N GLY B 172 7.28 14.16 -8.84
CA GLY B 172 7.70 13.68 -7.54
C GLY B 172 6.75 14.01 -6.40
N LEU B 173 5.79 14.89 -6.61
CA LEU B 173 4.77 15.17 -5.61
C LEU B 173 3.70 14.10 -5.62
N TYR B 174 2.93 14.04 -4.54
CA TYR B 174 1.88 13.05 -4.35
C TYR B 174 0.51 13.70 -4.36
N SER B 175 -0.50 12.88 -4.70
CA SER B 175 -1.89 13.28 -4.63
C SER B 175 -2.76 12.08 -4.31
N LEU B 176 -3.88 12.35 -3.65
CA LEU B 176 -4.91 11.35 -3.45
C LEU B 176 -6.25 12.07 -3.36
N SER B 177 -7.31 11.28 -3.51
CA SER B 177 -8.65 11.75 -3.29
C SER B 177 -9.34 10.88 -2.25
N SER B 178 -10.27 11.48 -1.53
CA SER B 178 -11.11 10.80 -0.56
C SER B 178 -12.54 11.20 -0.85
N VAL B 179 -13.44 10.22 -0.95
CA VAL B 179 -14.85 10.50 -1.14
C VAL B 179 -15.69 9.79 -0.08
N VAL B 180 -16.89 10.33 0.15
CA VAL B 180 -17.81 9.76 1.12
C VAL B 180 -19.25 10.04 0.68
N SER B 181 -20.12 9.07 0.93
CA SER B 181 -21.53 9.18 0.61
C SER B 181 -22.26 9.71 1.84
N VAL B 182 -22.97 10.82 1.69
CA VAL B 182 -23.57 11.45 2.84
C VAL B 182 -25.01 11.87 2.60
N THR B 183 -25.77 11.87 3.69
CA THR B 183 -27.09 12.44 3.76
C THR B 183 -27.00 13.67 4.65
N SER B 184 -28.15 14.32 4.86
CA SER B 184 -28.15 15.51 5.71
C SER B 184 -27.65 15.23 7.13
N SER B 185 -27.72 13.96 7.59
CA SER B 185 -27.30 13.61 8.95
C SER B 185 -25.82 13.85 9.18
N SER B 186 -25.02 13.92 8.11
CA SER B 186 -23.61 14.20 8.21
C SER B 186 -23.27 15.62 7.78
N GLN B 187 -24.24 16.39 7.40
CA GLN B 187 -23.96 17.72 6.89
C GLN B 187 -23.96 18.73 8.03
N PRO B 188 -23.13 19.76 7.95
CA PRO B 188 -22.12 20.01 6.92
C PRO B 188 -20.97 19.01 7.02
N VAL B 189 -20.44 18.60 5.89
CA VAL B 189 -19.36 17.62 5.85
C VAL B 189 -18.04 18.32 5.59
N THR B 190 -17.02 17.95 6.37
CA THR B 190 -15.72 18.59 6.35
C THR B 190 -14.66 17.52 6.27
N CYS B 191 -13.73 17.65 5.33
CA CYS B 191 -12.58 16.77 5.33
C CYS B 191 -11.46 17.47 6.09
N ASN B 192 -10.74 16.70 6.91
CA ASN B 192 -9.64 17.19 7.73
C ASN B 192 -8.38 16.54 7.22
N VAL B 193 -7.44 17.33 6.72
CA VAL B 193 -6.26 16.82 6.05
C VAL B 193 -5.03 17.26 6.82
N ALA B 194 -4.37 16.29 7.44
CA ALA B 194 -3.20 16.55 8.26
C ALA B 194 -1.96 16.04 7.55
N HIS B 195 -0.91 16.83 7.60
CA HIS B 195 0.35 16.48 6.96
C HIS B 195 1.46 16.62 7.99
N PRO B 196 1.90 15.52 8.59
CA PRO B 196 2.91 15.64 9.66
C PRO B 196 4.16 16.40 9.27
N ALA B 197 4.63 16.23 8.04
CA ALA B 197 5.93 16.77 7.71
C ALA B 197 5.94 18.29 7.67
N THR B 198 4.79 18.93 7.41
CA THR B 198 4.70 20.38 7.44
C THR B 198 3.93 20.90 8.65
N ASN B 199 3.52 20.04 9.56
CA ASN B 199 2.73 20.43 10.73
C ASN B 199 1.52 21.26 10.31
N THR B 200 0.83 20.79 9.27
CA THR B 200 -0.35 21.47 8.77
C THR B 200 -1.59 20.60 8.95
N LYS B 201 -2.71 21.27 9.16
CA LYS B 201 -4.03 20.66 9.20
C LYS B 201 -5.00 21.61 8.50
N VAL B 202 -5.63 21.13 7.44
CA VAL B 202 -6.58 21.89 6.64
C VAL B 202 -7.94 21.25 6.80
N ASP B 203 -8.94 22.07 7.10
CA ASP B 203 -10.33 21.63 7.20
C ASP B 203 -11.09 22.27 6.04
N LYS B 204 -11.67 21.44 5.18
CA LYS B 204 -12.40 21.93 4.02
C LYS B 204 -13.84 21.44 4.12
N THR B 205 -14.77 22.37 4.30
CA THR B 205 -16.18 22.02 4.32
C THR B 205 -16.69 22.01 2.89
N VAL B 206 -17.28 20.89 2.49
CA VAL B 206 -17.59 20.62 1.09
C VAL B 206 -19.06 20.90 0.88
N ALA B 207 -19.35 21.94 0.09
CA ALA B 207 -20.72 22.24 -0.27
C ALA B 207 -21.23 21.16 -1.22
N PRO B 208 -22.53 20.86 -1.22
CA PRO B 208 -23.03 19.69 -1.96
C PRO B 208 -23.04 19.85 -3.48
N SER B 209 -22.73 21.03 -4.01
CA SER B 209 -22.57 21.22 -5.45
C SER B 209 -21.52 22.30 -5.66
N THR B 210 -21.17 22.54 -6.92
CA THR B 210 -20.25 23.62 -7.26
C THR B 210 -20.93 24.99 -7.36
N CYS B 211 -22.22 25.09 -7.09
CA CYS B 211 -22.94 26.37 -7.23
C CYS B 211 -22.35 27.44 -6.31
N ILE C 1 19.73 -37.01 6.95
CA ILE C 1 20.47 -37.26 8.18
C ILE C 1 21.37 -36.05 8.42
N PRO C 2 21.44 -35.52 9.63
CA PRO C 2 22.32 -34.36 9.85
C PRO C 2 23.74 -34.61 9.37
N ASN C 3 24.23 -33.68 8.56
CA ASN C 3 25.59 -33.71 8.03
C ASN C 3 25.91 -32.33 7.46
N GLY C 4 27.20 -31.98 7.46
CA GLY C 4 27.57 -30.66 7.01
C GLY C 4 27.00 -29.60 7.95
N TYR C 5 26.63 -28.47 7.39
CA TYR C 5 25.97 -27.43 8.20
C TYR C 5 24.53 -27.83 8.45
N LEU C 6 24.16 -27.89 9.73
CA LEU C 6 22.76 -28.11 10.06
C LEU C 6 21.95 -26.85 9.72
N VAL C 7 20.67 -27.05 9.43
CA VAL C 7 19.74 -25.95 9.18
C VAL C 7 18.96 -25.71 10.46
N LEU C 8 19.08 -24.52 11.04
CA LEU C 8 18.25 -24.13 12.17
C LEU C 8 17.09 -23.28 11.63
N ASP C 9 15.88 -23.65 12.00
CA ASP C 9 14.69 -22.92 11.57
C ASP C 9 14.44 -21.76 12.52
N LEU C 10 14.75 -20.54 12.06
CA LEU C 10 14.58 -19.36 12.90
C LEU C 10 13.11 -18.97 13.04
N SER C 11 12.26 -19.38 12.10
CA SER C 11 10.84 -19.09 12.26
C SER C 11 10.26 -19.93 13.40
N MET C 12 10.79 -21.14 13.57
CA MET C 12 10.42 -21.98 14.71
C MET C 12 10.99 -21.41 15.99
N GLN C 13 12.25 -20.99 15.96
CA GLN C 13 12.82 -20.43 17.17
C GLN C 13 11.99 -19.25 17.64
N GLU C 14 11.57 -18.39 16.70
CA GLU C 14 10.72 -17.27 17.07
C GLU C 14 9.38 -17.73 17.62
N ALA C 15 8.72 -18.68 16.93
CA ALA C 15 7.38 -19.10 17.36
C ALA C 15 7.38 -19.67 18.76
N LEU C 16 8.47 -20.32 19.17
CA LEU C 16 8.60 -21.01 20.44
C LEU C 16 9.23 -20.14 21.52
N SER C 17 9.58 -18.90 21.21
CA SER C 17 10.26 -18.06 22.18
C SER C 17 9.35 -17.58 23.30
C1 GOL D . -8.18 -14.96 5.64
O1 GOL D . -7.54 -14.15 4.68
C2 GOL D . -7.73 -14.56 7.03
O2 GOL D . -8.51 -15.27 7.96
C3 GOL D . -6.24 -14.75 7.17
O3 GOL D . -5.74 -13.43 7.29
H11 GOL D . -7.97 -15.90 5.51
H12 GOL D . -9.15 -14.87 5.58
HO1 GOL D . -8.07 -14.04 4.04
H2 GOL D . -7.89 -13.61 7.15
HO2 GOL D . -8.16 -15.13 8.73
H31 GOL D . -5.87 -15.21 6.40
H32 GOL D . -6.04 -15.29 7.95
HO3 GOL D . -5.97 -12.99 6.60
#